data_7TE8
#
_entry.id   7TE8
#
_cell.length_a   62.672
_cell.length_b   69.153
_cell.length_c   109.110
_cell.angle_alpha   90.00
_cell.angle_beta   90.00
_cell.angle_gamma   90.00
#
_symmetry.space_group_name_H-M   'P 2 21 21'
#
loop_
_entity.id
_entity.type
_entity.pdbx_description
1 polymer CA14
2 polymer DB21
3 non-polymer cannabidiol
4 water water
#
loop_
_entity_poly.entity_id
_entity_poly.type
_entity_poly.pdbx_seq_one_letter_code
_entity_poly.pdbx_strand_id
1 'polypeptide(L)'
;SEVQLQASGGGFVQPGGSLRLSCAASGSTSRQYDMGWFRQAPGKEREFVSAISSNQDQPPYYADSVKGRFTISRDNSKNT
VYLQMNSLRAEDTATYYCAFKQHHANGAYWGQGTQVTVSS
;
C,D
2 'polypeptide(L)'
;SEVQLQASGGGFVQPGGSLRLSCAASGTTYGQTNMGWFRQAPGKEREFVSAISGLQGRDLYYADSVKGRFTISRDNSKNT
VYLQMNSLRAEDTATYYCAFHDFLRMWEYWGQGTQVTVSS
;
A,B
#
# COMPACT_ATOMS: atom_id res chain seq x y z
N GLU A 2 -8.32 -14.09 -13.64
CA GLU A 2 -9.41 -14.39 -12.70
C GLU A 2 -8.92 -15.28 -11.57
N VAL A 3 -9.37 -15.12 -10.34
CA VAL A 3 -8.91 -15.92 -9.20
C VAL A 3 -9.70 -17.21 -9.14
N GLN A 4 -9.01 -18.29 -8.79
CA GLN A 4 -9.67 -19.56 -8.53
C GLN A 4 -9.19 -20.09 -7.19
N LEU A 5 -10.12 -20.67 -6.43
CA LEU A 5 -9.83 -21.22 -5.12
C LEU A 5 -9.99 -22.73 -5.16
N GLN A 6 -9.12 -23.43 -4.45
CA GLN A 6 -9.27 -24.87 -4.27
C GLN A 6 -9.11 -25.16 -2.79
N ALA A 7 -10.14 -25.76 -2.22
CA ALA A 7 -10.14 -26.08 -0.80
C ALA A 7 -9.74 -27.54 -0.61
N SER A 8 -9.38 -27.87 0.63
CA SER A 8 -9.18 -29.26 0.96
C SER A 8 -9.35 -29.41 2.46
N GLY A 9 -9.53 -30.67 2.85
CA GLY A 9 -9.86 -31.00 4.23
C GLY A 9 -11.36 -31.15 4.40
N GLY A 10 -11.76 -31.39 5.65
CA GLY A 10 -13.17 -31.49 5.99
C GLY A 10 -13.68 -32.93 5.99
N GLY A 11 -14.87 -33.08 6.56
CA GLY A 11 -15.44 -34.40 6.78
C GLY A 11 -16.06 -34.57 8.16
N PHE A 12 -15.90 -35.75 8.73
CA PHE A 12 -16.60 -36.16 9.96
C PHE A 12 -15.59 -36.31 11.10
N VAL A 13 -15.97 -35.84 12.30
CA VAL A 13 -15.14 -35.85 13.50
C VAL A 13 -15.99 -36.21 14.70
N GLN A 14 -15.42 -36.88 15.70
CA GLN A 14 -16.08 -36.99 16.99
C GLN A 14 -15.87 -35.71 17.81
N PRO A 15 -16.78 -35.40 18.74
CA PRO A 15 -16.65 -34.17 19.54
C PRO A 15 -15.29 -34.12 20.22
N GLY A 16 -14.81 -32.89 20.43
CA GLY A 16 -13.47 -32.68 20.92
C GLY A 16 -12.38 -32.95 19.91
N GLY A 17 -12.71 -33.50 18.74
CA GLY A 17 -11.73 -33.78 17.71
C GLY A 17 -11.26 -32.53 16.97
N SER A 18 -10.33 -32.77 16.04
CA SER A 18 -9.67 -31.72 15.28
C SER A 18 -9.87 -31.94 13.79
N LEU A 19 -9.82 -30.85 13.03
CA LEU A 19 -9.77 -30.90 11.58
C LEU A 19 -8.89 -29.78 11.07
N ARG A 20 -8.32 -29.98 9.89
CA ARG A 20 -7.52 -28.98 9.19
C ARG A 20 -8.15 -28.70 7.83
N LEU A 21 -8.55 -27.47 7.59
CA LEU A 21 -8.96 -27.06 6.27
C LEU A 21 -7.81 -26.30 5.63
N SER A 22 -7.73 -26.35 4.31
CA SER A 22 -6.78 -25.54 3.59
C SER A 22 -7.48 -24.93 2.40
N CYS A 23 -6.96 -23.79 1.95
CA CYS A 23 -7.48 -23.16 0.76
C CYS A 23 -6.35 -22.44 0.04
N ALA A 24 -6.21 -22.72 -1.25
CA ALA A 24 -5.13 -22.20 -2.07
C ALA A 24 -5.72 -21.33 -3.15
N ALA A 25 -5.28 -20.08 -3.22
CA ALA A 25 -5.75 -19.17 -4.26
C ALA A 25 -4.73 -19.17 -5.39
N SER A 26 -5.22 -19.13 -6.61
CA SER A 26 -4.40 -19.16 -7.81
C SER A 26 -4.85 -18.04 -8.75
N GLY A 27 -3.96 -17.61 -9.63
CA GLY A 27 -4.37 -16.71 -10.67
C GLY A 27 -4.11 -15.25 -10.35
N SER A 28 -5.03 -14.39 -10.78
CA SER A 28 -4.85 -12.94 -10.72
C SER A 28 -4.62 -12.38 -9.33
N THR A 29 -4.61 -13.25 -8.33
CA THR A 29 -4.34 -12.80 -6.95
C THR A 29 -3.06 -11.98 -6.93
N SER A 30 -3.15 -10.73 -6.45
CA SER A 30 -2.05 -9.83 -6.27
C SER A 30 -1.31 -10.43 -5.07
N ARG A 31 -0.31 -9.72 -4.59
CA ARG A 31 0.25 -10.13 -3.32
C ARG A 31 -0.50 -9.58 -2.08
N GLN A 32 -1.45 -8.67 -2.26
CA GLN A 32 -2.07 -7.97 -1.14
C GLN A 32 -3.53 -8.40 -1.08
N TYR A 33 -3.87 -9.21 -0.09
CA TYR A 33 -5.20 -9.80 -0.07
C TYR A 33 -5.48 -10.34 1.32
N ASP A 34 -6.77 -10.53 1.60
CA ASP A 34 -7.24 -11.27 2.76
C ASP A 34 -7.78 -12.62 2.30
N MET A 35 -7.61 -13.63 3.15
CA MET A 35 -8.30 -14.89 2.94
C MET A 35 -8.82 -15.38 4.28
N GLY A 36 -9.88 -16.17 4.24
CA GLY A 36 -10.39 -16.72 5.46
C GLY A 36 -11.52 -17.68 5.22
N TRP A 37 -12.26 -17.97 6.29
CA TRP A 37 -13.29 -18.99 6.24
C TRP A 37 -14.61 -18.43 6.72
N PHE A 38 -15.67 -18.87 6.04
CA PHE A 38 -17.04 -18.69 6.48
C PHE A 38 -17.67 -20.06 6.65
N ARG A 39 -18.71 -20.12 7.48
CA ARG A 39 -19.43 -21.37 7.66
C ARG A 39 -20.93 -21.11 7.60
N GLN A 40 -21.67 -22.12 7.16
CA GLN A 40 -23.09 -21.98 6.94
C GLN A 40 -23.76 -23.26 7.42
N ALA A 41 -24.46 -23.18 8.53
CA ALA A 41 -25.21 -24.32 9.05
C ALA A 41 -26.56 -24.38 8.34
N PRO A 42 -27.27 -25.50 8.45
CA PRO A 42 -28.60 -25.59 7.79
C PRO A 42 -29.51 -24.45 8.20
N GLY A 43 -30.09 -23.78 7.20
CA GLY A 43 -31.05 -22.74 7.45
C GLY A 43 -30.48 -21.43 7.94
N LYS A 44 -29.16 -21.30 7.99
CA LYS A 44 -28.49 -20.11 8.49
C LYS A 44 -27.75 -19.40 7.37
N GLU A 45 -27.39 -18.15 7.64
CA GLU A 45 -26.58 -17.39 6.70
C GLU A 45 -25.11 -17.77 6.83
N ARG A 46 -24.35 -17.37 5.82
CA ARG A 46 -22.89 -17.46 5.90
C ARG A 46 -22.40 -16.65 7.09
N GLU A 47 -21.70 -17.30 8.01
CA GLU A 47 -21.17 -16.68 9.21
C GLU A 47 -19.65 -16.59 9.13
N PHE A 48 -19.09 -15.42 9.47
CA PHE A 48 -17.63 -15.26 9.49
C PHE A 48 -17.02 -16.20 10.52
N VAL A 49 -15.90 -16.82 10.14
CA VAL A 49 -15.16 -17.71 11.03
C VAL A 49 -13.79 -17.13 11.38
N SER A 50 -12.96 -16.89 10.37
CA SER A 50 -11.61 -16.39 10.60
C SER A 50 -11.09 -15.76 9.32
N ALA A 51 -10.15 -14.82 9.47
CA ALA A 51 -9.51 -14.23 8.29
C ALA A 51 -8.10 -13.83 8.66
N ILE A 52 -7.26 -13.75 7.63
CA ILE A 52 -5.86 -13.39 7.76
C ILE A 52 -5.47 -12.56 6.55
N SER A 53 -4.61 -11.57 6.76
CA SER A 53 -4.18 -10.64 5.73
C SER A 53 -2.76 -10.96 5.29
N SER A 54 -2.43 -10.60 4.06
CA SER A 54 -1.04 -10.62 3.65
C SER A 54 -0.21 -9.58 4.39
N ASN A 55 -0.86 -8.61 5.03
CA ASN A 55 -0.15 -7.61 5.84
C ASN A 55 0.32 -8.27 7.13
N GLN A 56 1.62 -8.47 7.27
CA GLN A 56 1.89 -9.17 8.52
C GLN A 56 2.09 -8.24 9.71
N ASP A 57 1.83 -6.94 9.59
CA ASP A 57 1.58 -6.15 10.79
C ASP A 57 0.22 -6.43 11.39
N GLN A 58 -0.61 -7.21 10.72
CA GLN A 58 -2.02 -7.37 11.04
C GLN A 58 -2.25 -8.70 11.73
N PRO A 59 -2.77 -8.74 12.96
CA PRO A 59 -3.07 -10.04 13.58
C PRO A 59 -4.30 -10.66 12.95
N PRO A 60 -4.39 -11.99 12.92
CA PRO A 60 -5.58 -12.64 12.34
C PRO A 60 -6.83 -12.26 13.12
N TYR A 61 -7.97 -12.47 12.48
CA TYR A 61 -9.28 -12.09 13.00
C TYR A 61 -10.09 -13.38 13.18
N TYR A 62 -10.57 -13.62 14.40
CA TYR A 62 -11.40 -14.78 14.71
C TYR A 62 -12.75 -14.32 15.22
N ALA A 63 -13.83 -14.94 14.72
CA ALA A 63 -15.15 -14.76 15.33
C ALA A 63 -15.11 -15.20 16.79
N ASP A 64 -15.93 -14.54 17.61
CA ASP A 64 -16.03 -14.92 19.02
C ASP A 64 -16.32 -16.41 19.20
N SER A 65 -17.13 -16.98 18.31
CA SER A 65 -17.56 -18.37 18.48
C SER A 65 -16.43 -19.38 18.32
N VAL A 66 -15.29 -18.99 17.77
CA VAL A 66 -14.19 -19.92 17.51
C VAL A 66 -12.89 -19.48 18.14
N LYS A 67 -12.83 -18.33 18.79
CA LYS A 67 -11.58 -17.85 19.34
C LYS A 67 -11.08 -18.81 20.41
N GLY A 68 -9.77 -19.08 20.39
CA GLY A 68 -9.17 -20.04 21.28
C GLY A 68 -9.12 -21.45 20.75
N ARG A 69 -9.99 -21.80 19.81
CA ARG A 69 -10.05 -23.15 19.27
C ARG A 69 -9.55 -23.25 17.85
N PHE A 70 -9.77 -22.23 17.02
CA PHE A 70 -9.34 -22.26 15.64
C PHE A 70 -8.09 -21.40 15.49
N THR A 71 -7.21 -21.82 14.60
CA THR A 71 -6.00 -21.05 14.32
C THR A 71 -5.84 -20.98 12.83
N ILE A 72 -5.80 -19.77 12.30
CA ILE A 72 -5.60 -19.56 10.88
C ILE A 72 -4.14 -19.18 10.67
N SER A 73 -3.58 -19.64 9.56
CA SER A 73 -2.18 -19.38 9.29
C SER A 73 -2.02 -19.35 7.79
N ARG A 74 -0.95 -18.73 7.33
CA ARG A 74 -0.73 -18.55 5.92
C ARG A 74 0.61 -19.13 5.51
N ASP A 75 0.63 -19.70 4.31
CA ASP A 75 1.82 -20.08 3.58
C ASP A 75 1.88 -19.10 2.40
N ASN A 76 2.57 -17.96 2.60
CA ASN A 76 2.68 -16.95 1.55
C ASN A 76 3.33 -17.51 0.30
N SER A 77 4.31 -18.40 0.50
CA SER A 77 4.93 -19.23 -0.53
C SER A 77 3.93 -19.73 -1.55
N LYS A 78 2.84 -20.30 -1.01
CA LYS A 78 1.86 -21.05 -1.79
C LYS A 78 0.53 -20.34 -1.95
N ASN A 79 0.40 -19.07 -1.51
CA ASN A 79 -0.90 -18.39 -1.49
C ASN A 79 -1.96 -19.31 -0.92
N THR A 80 -1.62 -19.97 0.18
CA THR A 80 -2.52 -20.94 0.78
C THR A 80 -2.63 -20.69 2.27
N VAL A 81 -3.87 -20.66 2.74
CA VAL A 81 -4.16 -20.47 4.15
C VAL A 81 -4.67 -21.78 4.73
N TYR A 82 -4.47 -21.94 6.03
CA TYR A 82 -4.85 -23.13 6.77
C TYR A 82 -5.69 -22.72 7.97
N LEU A 83 -6.72 -23.50 8.26
CA LEU A 83 -7.54 -23.34 9.45
C LEU A 83 -7.39 -24.61 10.28
N GLN A 84 -6.76 -24.48 11.44
CA GLN A 84 -6.60 -25.58 12.38
C GLN A 84 -7.76 -25.52 13.36
N MET A 85 -8.74 -26.40 13.18
CA MET A 85 -9.94 -26.40 14.02
C MET A 85 -9.78 -27.46 15.11
N ASN A 86 -9.51 -27.00 16.32
CA ASN A 86 -9.39 -27.88 17.48
C ASN A 86 -10.65 -27.79 18.35
N SER A 87 -10.80 -28.79 19.23
CA SER A 87 -11.87 -28.87 20.22
C SER A 87 -13.22 -28.63 19.58
N LEU A 88 -13.44 -29.32 18.47
CA LEU A 88 -14.66 -29.19 17.70
C LEU A 88 -15.86 -29.70 18.49
N ARG A 89 -16.95 -28.94 18.45
CA ARG A 89 -18.20 -29.26 19.10
C ARG A 89 -19.28 -29.51 18.04
N ALA A 90 -20.39 -30.09 18.49
CA ALA A 90 -21.50 -30.35 17.57
C ALA A 90 -21.98 -29.07 16.89
N GLU A 91 -21.86 -27.94 17.59
CA GLU A 91 -22.32 -26.65 17.09
C GLU A 91 -21.46 -26.13 15.94
N ASP A 92 -20.28 -26.71 15.71
CA ASP A 92 -19.42 -26.33 14.60
C ASP A 92 -19.79 -27.02 13.30
N THR A 93 -20.79 -27.90 13.34
CA THR A 93 -21.23 -28.58 12.12
C THR A 93 -21.82 -27.56 11.15
N ALA A 94 -21.33 -27.59 9.91
CA ALA A 94 -21.69 -26.61 8.90
C ALA A 94 -20.90 -26.90 7.64
N THR A 95 -21.38 -26.34 6.53
CA THR A 95 -20.57 -26.22 5.33
C THR A 95 -19.60 -25.06 5.53
N TYR A 96 -18.32 -25.32 5.38
CA TYR A 96 -17.28 -24.30 5.54
C TYR A 96 -16.78 -23.89 4.16
N TYR A 97 -16.65 -22.59 3.96
CA TYR A 97 -16.29 -22.02 2.68
C TYR A 97 -15.02 -21.20 2.84
N CYS A 98 -14.12 -21.33 1.88
CA CYS A 98 -12.98 -20.43 1.82
C CYS A 98 -13.39 -19.15 1.08
N ALA A 99 -12.76 -18.05 1.43
CA ALA A 99 -13.05 -16.78 0.77
C ALA A 99 -11.76 -16.02 0.57
N PHE A 100 -11.71 -15.24 -0.51
CA PHE A 100 -10.51 -14.54 -0.95
C PHE A 100 -10.93 -13.18 -1.46
N LYS A 101 -10.20 -12.14 -1.05
CA LYS A 101 -10.44 -10.81 -1.61
C LYS A 101 -9.13 -10.06 -1.62
N GLN A 102 -8.71 -9.58 -2.79
CA GLN A 102 -7.52 -8.74 -2.87
C GLN A 102 -7.73 -7.56 -1.93
N HIS A 103 -6.69 -6.82 -1.57
CA HIS A 103 -6.97 -5.63 -0.78
C HIS A 103 -7.59 -4.51 -1.62
N HIS A 104 -7.42 -4.53 -2.94
CA HIS A 104 -7.92 -3.46 -3.79
C HIS A 104 -9.33 -3.68 -4.31
N ALA A 105 -9.94 -4.83 -4.03
CA ALA A 105 -11.23 -5.19 -4.63
C ALA A 105 -12.36 -5.10 -3.61
N ASN A 106 -13.54 -4.74 -4.11
CA ASN A 106 -14.76 -4.78 -3.30
C ASN A 106 -15.41 -6.16 -3.29
N GLY A 107 -15.33 -6.89 -4.39
CA GLY A 107 -15.94 -8.21 -4.49
C GLY A 107 -15.00 -9.28 -4.03
N ALA A 108 -15.49 -10.16 -3.16
CA ALA A 108 -14.77 -11.35 -2.72
C ALA A 108 -15.02 -12.52 -3.66
N TYR A 109 -14.06 -13.42 -3.70
CA TYR A 109 -14.22 -14.71 -4.35
C TYR A 109 -14.68 -15.71 -3.31
N TRP A 110 -15.65 -16.53 -3.70
CA TRP A 110 -16.37 -17.44 -2.82
C TRP A 110 -16.00 -18.87 -3.21
N GLY A 111 -15.46 -19.64 -2.25
CA GLY A 111 -14.91 -20.95 -2.55
C GLY A 111 -15.93 -22.06 -2.47
N GLN A 112 -15.50 -23.27 -2.82
CA GLN A 112 -16.47 -24.33 -2.80
C GLN A 112 -16.58 -24.94 -1.42
N GLY A 113 -17.84 -25.18 -1.03
CA GLY A 113 -18.12 -25.56 0.34
C GLY A 113 -17.54 -26.91 0.70
N THR A 114 -17.21 -27.04 1.98
CA THR A 114 -16.70 -28.29 2.52
C THR A 114 -17.54 -28.67 3.72
N GLN A 115 -18.12 -29.88 3.71
CA GLN A 115 -18.88 -30.31 4.87
C GLN A 115 -17.94 -30.61 6.03
N VAL A 116 -18.28 -30.08 7.20
CA VAL A 116 -17.70 -30.41 8.50
C VAL A 116 -18.84 -30.92 9.38
N THR A 117 -18.80 -32.17 9.82
CA THR A 117 -19.84 -32.68 10.73
C THR A 117 -19.14 -33.21 11.96
N VAL A 118 -19.51 -32.64 13.11
CA VAL A 118 -19.07 -33.13 14.41
C VAL A 118 -20.28 -33.75 15.07
N SER A 119 -20.15 -35.01 15.50
CA SER A 119 -21.32 -35.63 16.13
C SER A 119 -20.91 -36.77 17.04
N SER A 120 -21.55 -36.79 18.21
CA SER A 120 -21.66 -37.93 19.15
C SER A 120 -20.32 -38.56 19.52
N SER B 1 -30.60 -2.94 -4.13
CA SER B 1 -29.69 -2.88 -5.28
C SER B 1 -28.24 -2.77 -4.82
N GLU B 2 -27.94 -1.69 -4.11
CA GLU B 2 -26.58 -1.34 -3.73
C GLU B 2 -26.61 -0.67 -2.36
N VAL B 3 -25.50 -0.76 -1.66
CA VAL B 3 -25.34 -0.15 -0.35
C VAL B 3 -24.65 1.20 -0.54
N GLN B 4 -24.98 2.15 0.32
CA GLN B 4 -24.25 3.42 0.33
C GLN B 4 -23.74 3.71 1.73
N LEU B 5 -22.50 4.19 1.76
CA LEU B 5 -21.83 4.53 3.01
C LEU B 5 -21.54 6.02 3.03
N GLN B 6 -22.14 6.73 3.96
CA GLN B 6 -21.85 8.14 4.16
C GLN B 6 -20.90 8.28 5.35
N ALA B 7 -19.69 8.71 5.06
CA ALA B 7 -18.66 8.88 6.07
C ALA B 7 -18.54 10.35 6.45
N SER B 8 -18.03 10.59 7.65
CA SER B 8 -17.74 11.91 8.17
C SER B 8 -16.46 11.84 8.98
N GLY B 9 -15.75 12.96 9.11
CA GLY B 9 -14.58 13.04 9.95
C GLY B 9 -13.31 13.24 9.14
N GLY B 10 -12.20 13.27 9.85
CA GLY B 10 -10.91 13.53 9.29
C GLY B 10 -10.39 14.90 9.72
N GLY B 11 -9.09 15.08 9.56
CA GLY B 11 -8.47 16.34 9.92
C GLY B 11 -6.97 16.22 10.12
N PHE B 12 -6.40 17.31 10.64
CA PHE B 12 -4.99 17.46 10.93
C PHE B 12 -4.85 17.72 12.42
N VAL B 13 -4.11 16.86 13.11
CA VAL B 13 -3.87 16.99 14.55
C VAL B 13 -2.38 16.79 14.84
N GLN B 14 -2.01 17.10 16.06
CA GLN B 14 -0.67 16.80 16.54
C GLN B 14 -0.64 15.45 17.22
N PRO B 15 0.55 14.84 17.34
CA PRO B 15 0.69 13.66 18.18
C PRO B 15 0.03 13.82 19.54
N GLY B 16 -0.69 12.79 19.95
CA GLY B 16 -1.55 12.82 21.10
C GLY B 16 -2.91 13.40 20.84
N GLY B 17 -3.17 13.92 19.64
CA GLY B 17 -4.48 14.44 19.31
C GLY B 17 -5.51 13.32 19.17
N SER B 18 -6.75 13.73 18.90
CA SER B 18 -7.91 12.86 18.95
C SER B 18 -8.86 13.24 17.83
N LEU B 19 -9.46 12.24 17.17
CA LEU B 19 -10.41 12.49 16.09
C LEU B 19 -11.42 11.35 16.09
N ARG B 20 -12.65 11.65 15.69
CA ARG B 20 -13.71 10.67 15.59
C ARG B 20 -14.15 10.59 14.14
N LEU B 21 -14.22 9.37 13.61
CA LEU B 21 -14.82 9.14 12.31
C LEU B 21 -16.17 8.50 12.50
N SER B 22 -17.05 8.71 11.53
CA SER B 22 -18.37 8.11 11.60
C SER B 22 -18.72 7.58 10.23
N CYS B 23 -19.65 6.63 10.21
CA CYS B 23 -20.06 6.02 8.97
C CYS B 23 -21.47 5.48 9.10
N ALA B 24 -22.33 5.85 8.15
CA ALA B 24 -23.74 5.50 8.17
C ALA B 24 -24.07 4.71 6.92
N ALA B 25 -24.50 3.46 7.11
CA ALA B 25 -24.85 2.58 6.00
C ALA B 25 -26.33 2.73 5.63
N SER B 26 -26.61 2.77 4.33
CA SER B 26 -27.99 2.85 3.88
C SER B 26 -28.12 2.10 2.57
N GLY B 27 -29.36 2.00 2.08
CA GLY B 27 -29.63 1.21 0.91
C GLY B 27 -30.07 -0.19 1.31
N THR B 28 -29.94 -1.11 0.36
CA THR B 28 -30.44 -2.46 0.60
C THR B 28 -29.33 -3.27 1.27
N THR B 29 -29.26 -3.03 2.58
CA THR B 29 -28.29 -3.69 3.44
C THR B 29 -28.79 -5.03 3.96
N TYR B 30 -30.09 -5.30 3.89
CA TYR B 30 -30.68 -6.51 4.44
C TYR B 30 -30.40 -6.67 5.94
N GLY B 31 -30.35 -5.57 6.67
CA GLY B 31 -30.16 -5.64 8.11
C GLY B 31 -28.78 -6.03 8.57
N GLN B 32 -27.80 -6.17 7.68
CA GLN B 32 -26.47 -6.58 8.08
C GLN B 32 -25.75 -5.40 8.72
N THR B 33 -24.96 -5.69 9.76
CA THR B 33 -24.30 -4.65 10.53
C THR B 33 -22.82 -4.98 10.74
N ASN B 34 -22.19 -5.57 9.72
CA ASN B 34 -20.78 -5.93 9.77
C ASN B 34 -19.98 -4.74 9.26
N MET B 35 -19.51 -3.90 10.19
CA MET B 35 -18.86 -2.65 9.82
C MET B 35 -17.42 -2.64 10.27
N GLY B 36 -16.65 -1.69 9.74
CA GLY B 36 -15.32 -1.47 10.26
C GLY B 36 -14.62 -0.34 9.53
N TRP B 37 -13.34 -0.21 9.82
CA TRP B 37 -12.50 0.76 9.14
C TRP B 37 -11.20 0.06 8.74
N PHE B 38 -10.73 0.36 7.55
CA PHE B 38 -9.35 0.07 7.20
C PHE B 38 -8.67 1.39 6.84
N ARG B 39 -7.36 1.39 6.95
CA ARG B 39 -6.60 2.57 6.60
C ARG B 39 -5.53 2.18 5.59
N GLN B 40 -5.09 3.18 4.83
CA GLN B 40 -4.04 2.99 3.82
C GLN B 40 -2.98 4.05 4.09
N ALA B 41 -1.90 3.63 4.73
CA ALA B 41 -0.79 4.54 4.94
C ALA B 41 0.08 4.59 3.69
N PRO B 42 0.74 5.72 3.42
CA PRO B 42 1.55 5.81 2.20
C PRO B 42 2.65 4.77 2.21
N GLY B 43 2.68 3.94 1.18
CA GLY B 43 3.74 2.96 1.02
C GLY B 43 3.54 1.67 1.76
N LYS B 44 2.46 1.50 2.50
CA LYS B 44 2.19 0.27 3.25
C LYS B 44 1.05 -0.51 2.60
N GLU B 45 0.93 -1.78 2.98
CA GLU B 45 -0.29 -2.52 2.68
C GLU B 45 -1.44 -1.95 3.51
N ARG B 46 -2.66 -2.11 3.01
CA ARG B 46 -3.80 -1.66 3.78
C ARG B 46 -3.81 -2.40 5.12
N GLU B 47 -4.28 -1.70 6.15
CA GLU B 47 -4.34 -2.25 7.50
C GLU B 47 -5.76 -2.10 8.00
N PHE B 48 -6.40 -3.21 8.30
CA PHE B 48 -7.77 -3.17 8.81
C PHE B 48 -7.70 -2.78 10.27
N VAL B 49 -8.32 -1.64 10.60
CA VAL B 49 -8.10 -1.03 11.89
C VAL B 49 -9.02 -1.62 12.94
N SER B 50 -10.28 -1.81 12.59
CA SER B 50 -11.27 -2.22 13.56
C SER B 50 -12.48 -2.74 12.81
N ALA B 51 -13.15 -3.70 13.44
CA ALA B 51 -14.38 -4.27 12.91
C ALA B 51 -15.33 -4.57 14.06
N ILE B 52 -16.62 -4.53 13.75
CA ILE B 52 -17.68 -4.82 14.70
C ILE B 52 -18.85 -5.41 13.91
N SER B 53 -19.65 -6.26 14.55
CA SER B 53 -20.79 -6.89 13.89
C SER B 53 -21.97 -6.99 14.84
N GLY B 54 -23.18 -6.95 14.30
CA GLY B 54 -24.38 -7.10 15.09
C GLY B 54 -24.76 -5.83 15.82
N LEU B 55 -26.03 -5.75 16.22
CA LEU B 55 -26.50 -4.67 17.07
C LEU B 55 -25.85 -4.70 18.44
N GLN B 56 -25.31 -5.86 18.84
CA GLN B 56 -24.72 -6.02 20.17
C GLN B 56 -23.20 -6.10 20.15
N GLY B 57 -22.57 -5.78 19.03
CA GLY B 57 -21.11 -5.61 19.02
C GLY B 57 -20.31 -6.88 19.24
N ARG B 58 -20.67 -7.98 18.60
CA ARG B 58 -19.86 -9.18 18.66
C ARG B 58 -18.72 -9.10 17.62
N ASP B 59 -17.81 -10.06 17.71
CA ASP B 59 -16.70 -10.18 16.76
C ASP B 59 -15.91 -8.88 16.68
N LEU B 60 -15.70 -8.27 17.84
CA LEU B 60 -14.96 -7.02 17.93
C LEU B 60 -13.49 -7.26 17.59
N TYR B 61 -12.95 -6.47 16.67
CA TYR B 61 -11.58 -6.65 16.23
C TYR B 61 -10.85 -5.31 16.24
N TYR B 62 -9.59 -5.32 16.69
CA TYR B 62 -8.70 -4.18 16.60
C TYR B 62 -7.34 -4.63 16.08
N ALA B 63 -6.76 -3.86 15.18
CA ALA B 63 -5.37 -4.13 14.84
C ALA B 63 -4.51 -3.93 16.08
N ASP B 64 -3.44 -4.71 16.19
CA ASP B 64 -2.54 -4.54 17.32
C ASP B 64 -2.06 -3.10 17.44
N SER B 65 -1.80 -2.45 16.30
CA SER B 65 -1.19 -1.11 16.33
C SER B 65 -2.11 -0.06 16.96
N VAL B 66 -3.41 -0.31 17.09
CA VAL B 66 -4.32 0.70 17.62
C VAL B 66 -4.96 0.28 18.93
N LYS B 67 -4.62 -0.88 19.47
CA LYS B 67 -5.29 -1.37 20.66
C LYS B 67 -5.03 -0.44 21.83
N GLY B 68 -6.08 -0.16 22.59
CA GLY B 68 -6.02 0.78 23.69
C GLY B 68 -6.27 2.22 23.31
N ARG B 69 -6.07 2.58 22.04
CA ARG B 69 -6.20 3.96 21.60
C ARG B 69 -7.41 4.22 20.72
N PHE B 70 -7.86 3.23 19.94
CA PHE B 70 -9.00 3.38 19.04
C PHE B 70 -10.17 2.59 19.63
N THR B 71 -11.37 3.12 19.46
CA THR B 71 -12.55 2.39 19.89
C THR B 71 -13.62 2.51 18.83
N ILE B 72 -14.17 1.38 18.44
CA ILE B 72 -15.28 1.34 17.49
C ILE B 72 -16.56 1.14 18.29
N SER B 73 -17.63 1.78 17.85
CA SER B 73 -18.89 1.70 18.59
C SER B 73 -20.03 1.94 17.64
N ARG B 74 -21.23 1.55 18.07
CA ARG B 74 -22.47 1.77 17.35
C ARG B 74 -23.40 2.65 18.17
N ASP B 75 -24.17 3.48 17.48
CA ASP B 75 -25.37 4.04 18.07
C ASP B 75 -26.52 3.56 17.19
N ASN B 76 -27.32 2.63 17.72
CA ASN B 76 -28.30 1.97 16.88
C ASN B 76 -29.43 2.90 16.45
N SER B 77 -29.64 4.02 17.15
CA SER B 77 -30.62 5.04 16.78
C SER B 77 -30.41 5.59 15.37
N LYS B 78 -29.23 5.33 14.77
CA LYS B 78 -28.80 5.94 13.50
C LYS B 78 -28.29 4.92 12.46
N ASN B 79 -28.11 3.65 12.82
CA ASN B 79 -27.25 2.71 12.08
C ASN B 79 -25.95 3.40 11.65
N THR B 80 -25.37 4.11 12.62
CA THR B 80 -24.09 4.81 12.49
C THR B 80 -23.07 4.14 13.38
N VAL B 81 -21.89 3.86 12.83
CA VAL B 81 -20.79 3.37 13.65
C VAL B 81 -19.76 4.48 13.73
N TYR B 82 -19.01 4.48 14.83
CA TYR B 82 -17.99 5.50 15.08
C TYR B 82 -16.66 4.83 15.37
N LEU B 83 -15.59 5.52 14.97
CA LEU B 83 -14.23 5.15 15.36
C LEU B 83 -13.68 6.34 16.13
N GLN B 84 -13.50 6.16 17.43
CA GLN B 84 -12.87 7.17 18.26
C GLN B 84 -11.37 6.89 18.26
N MET B 85 -10.60 7.82 17.71
CA MET B 85 -9.15 7.67 17.58
C MET B 85 -8.49 8.60 18.60
N ASN B 86 -8.05 8.04 19.71
CA ASN B 86 -7.40 8.79 20.78
C ASN B 86 -5.91 8.53 20.74
N SER B 87 -5.15 9.47 21.31
CA SER B 87 -3.69 9.40 21.43
C SER B 87 -3.03 9.10 20.09
N LEU B 88 -3.47 9.87 19.09
CA LEU B 88 -3.00 9.63 17.72
C LEU B 88 -1.49 9.79 17.62
N ARG B 89 -0.89 8.97 16.77
CA ARG B 89 0.54 8.94 16.56
C ARG B 89 0.86 9.29 15.11
N ALA B 90 2.11 9.69 14.88
CA ALA B 90 2.52 10.07 13.53
C ALA B 90 2.24 8.96 12.53
N GLU B 91 2.50 7.71 12.91
CA GLU B 91 2.33 6.59 12.00
C GLU B 91 0.86 6.22 11.79
N ASP B 92 -0.06 6.85 12.51
CA ASP B 92 -1.49 6.75 12.17
C ASP B 92 -1.86 7.54 10.92
N THR B 93 -0.96 8.39 10.41
CA THR B 93 -1.26 9.16 9.21
C THR B 93 -1.61 8.23 8.05
N ALA B 94 -2.78 8.45 7.45
CA ALA B 94 -3.29 7.51 6.46
C ALA B 94 -4.61 8.02 5.92
N THR B 95 -5.03 7.44 4.81
CA THR B 95 -6.40 7.59 4.36
C THR B 95 -7.22 6.50 5.06
N TYR B 96 -8.31 6.89 5.69
CA TYR B 96 -9.16 5.96 6.43
C TYR B 96 -10.45 5.74 5.65
N TYR B 97 -10.92 4.49 5.64
CA TYR B 97 -12.06 4.08 4.83
C TYR B 97 -13.03 3.31 5.69
N CYS B 98 -14.27 3.80 5.79
CA CYS B 98 -15.31 2.99 6.38
C CYS B 98 -15.59 1.81 5.46
N ALA B 99 -15.87 0.64 6.05
CA ALA B 99 -16.18 -0.56 5.28
C ALA B 99 -17.44 -1.23 5.80
N PHE B 100 -18.20 -1.77 4.87
CA PHE B 100 -19.42 -2.52 5.14
C PHE B 100 -19.22 -3.90 4.55
N HIS B 101 -19.27 -4.94 5.39
CA HIS B 101 -19.01 -6.29 4.94
C HIS B 101 -20.34 -7.00 4.69
N ASP B 102 -20.64 -7.22 3.41
CA ASP B 102 -21.90 -7.79 2.95
C ASP B 102 -21.72 -9.29 2.79
N PHE B 103 -22.24 -10.06 3.74
CA PHE B 103 -22.05 -11.52 3.68
C PHE B 103 -23.18 -12.23 2.92
N LEU B 104 -24.11 -11.49 2.32
CA LEU B 104 -24.99 -12.05 1.31
C LEU B 104 -24.35 -11.93 -0.06
N ARG B 105 -23.95 -10.71 -0.42
CA ARG B 105 -23.32 -10.43 -1.70
C ARG B 105 -21.84 -10.76 -1.71
N MET B 106 -21.24 -11.08 -0.56
CA MET B 106 -19.80 -11.31 -0.44
C MET B 106 -19.04 -10.12 -1.02
N TRP B 107 -19.34 -8.96 -0.47
CA TRP B 107 -18.96 -7.68 -1.02
C TRP B 107 -18.55 -6.74 0.10
N GLU B 108 -17.42 -6.05 -0.07
CA GLU B 108 -16.94 -5.03 0.84
C GLU B 108 -17.16 -3.66 0.21
N TYR B 109 -18.16 -2.94 0.69
CA TYR B 109 -18.40 -1.56 0.28
C TYR B 109 -17.45 -0.65 1.05
N TRP B 110 -16.96 0.39 0.38
CA TRP B 110 -16.06 1.36 0.99
C TRP B 110 -16.73 2.71 1.04
N GLY B 111 -16.58 3.40 2.16
CA GLY B 111 -16.87 4.81 2.18
C GLY B 111 -15.83 5.59 1.41
N GLN B 112 -16.11 6.87 1.22
CA GLN B 112 -15.10 7.78 0.70
C GLN B 112 -13.97 7.91 1.69
N GLY B 113 -12.74 7.72 1.22
CA GLY B 113 -11.59 7.85 2.11
C GLY B 113 -11.51 9.24 2.72
N THR B 114 -10.92 9.32 3.91
CA THR B 114 -10.76 10.59 4.60
C THR B 114 -9.34 10.65 5.16
N GLN B 115 -8.66 11.76 4.93
CA GLN B 115 -7.29 11.86 5.39
C GLN B 115 -7.24 12.22 6.85
N VAL B 116 -6.34 11.55 7.57
CA VAL B 116 -6.02 11.89 8.94
C VAL B 116 -4.52 12.08 8.99
N THR B 117 -4.10 13.28 9.34
CA THR B 117 -2.70 13.63 9.36
C THR B 117 -2.28 13.99 10.77
N VAL B 118 -1.30 13.27 11.28
CA VAL B 118 -0.76 13.48 12.61
C VAL B 118 0.69 13.86 12.42
N SER B 119 1.04 15.10 12.77
CA SER B 119 2.43 15.50 12.58
C SER B 119 2.75 16.67 13.49
N SER B 120 4.01 16.74 13.90
CA SER B 120 4.47 17.81 14.75
C SER B 120 4.36 19.14 14.03
N GLU C 2 17.34 -3.52 9.67
CA GLU C 2 18.55 -3.01 9.04
C GLU C 2 18.86 -3.69 7.71
N VAL C 3 19.01 -2.89 6.67
CA VAL C 3 19.22 -3.36 5.32
C VAL C 3 20.70 -3.20 4.97
N GLN C 4 21.25 -4.18 4.28
CA GLN C 4 22.63 -4.12 3.85
C GLN C 4 22.70 -4.24 2.34
N LEU C 5 23.55 -3.40 1.76
CA LEU C 5 23.76 -3.33 0.32
C LEU C 5 25.13 -3.88 -0.01
N GLN C 6 25.19 -4.62 -1.12
CA GLN C 6 26.44 -5.09 -1.68
C GLN C 6 26.41 -4.84 -3.16
N ALA C 7 27.34 -4.04 -3.63
CA ALA C 7 27.33 -3.59 -5.00
C ALA C 7 28.70 -3.80 -5.62
N SER C 8 28.70 -4.02 -6.92
CA SER C 8 29.93 -4.18 -7.65
C SER C 8 29.65 -3.88 -9.12
N GLY C 9 30.68 -4.07 -9.93
CA GLY C 9 30.62 -3.76 -11.34
C GLY C 9 31.41 -2.51 -11.65
N GLY C 10 31.50 -2.20 -12.91
CA GLY C 10 32.26 -1.00 -13.18
C GLY C 10 33.75 -1.07 -12.85
N GLY C 11 34.47 -0.12 -13.40
CA GLY C 11 35.91 -0.18 -13.51
C GLY C 11 36.31 0.82 -14.57
N PHE C 12 37.32 0.48 -15.36
CA PHE C 12 37.90 1.37 -16.36
C PHE C 12 37.52 0.88 -17.74
N VAL C 13 36.94 1.75 -18.57
CA VAL C 13 36.53 1.45 -19.93
C VAL C 13 36.91 2.63 -20.83
N GLN C 14 36.72 2.44 -22.13
CA GLN C 14 36.88 3.50 -23.12
C GLN C 14 35.53 4.09 -23.48
N PRO C 15 35.52 5.33 -23.97
CA PRO C 15 34.28 5.87 -24.55
C PRO C 15 33.68 4.90 -25.54
N GLY C 16 32.37 4.76 -25.48
CA GLY C 16 31.66 3.77 -26.27
C GLY C 16 31.60 2.39 -25.66
N GLY C 17 32.35 2.15 -24.58
CA GLY C 17 32.34 0.87 -23.91
C GLY C 17 31.11 0.70 -23.03
N SER C 18 31.15 -0.34 -22.21
CA SER C 18 29.99 -0.81 -21.46
C SER C 18 30.43 -1.29 -20.08
N LEU C 19 29.54 -1.21 -19.10
CA LEU C 19 29.71 -1.84 -17.79
C LEU C 19 28.33 -2.25 -17.32
N ARG C 20 28.30 -3.10 -16.31
CA ARG C 20 27.04 -3.54 -15.72
C ARG C 20 27.19 -3.51 -14.21
N LEU C 21 26.50 -2.59 -13.56
CA LEU C 21 26.54 -2.53 -12.11
C LEU C 21 25.47 -3.45 -11.53
N SER C 22 25.77 -4.03 -10.38
CA SER C 22 24.78 -4.82 -9.67
C SER C 22 24.76 -4.35 -8.22
N CYS C 23 23.58 -4.35 -7.63
CA CYS C 23 23.44 -4.02 -6.21
C CYS C 23 22.40 -4.92 -5.59
N ALA C 24 22.78 -5.65 -4.56
CA ALA C 24 21.92 -6.59 -3.88
C ALA C 24 21.60 -6.03 -2.50
N ALA C 25 20.33 -6.02 -2.14
CA ALA C 25 19.90 -5.60 -0.82
C ALA C 25 19.54 -6.84 0.00
N SER C 26 20.06 -6.91 1.20
CA SER C 26 19.87 -8.03 2.09
C SER C 26 19.25 -7.52 3.38
N GLY C 27 18.55 -8.41 4.06
CA GLY C 27 18.19 -8.23 5.45
C GLY C 27 16.76 -7.74 5.57
N SER C 28 16.59 -6.62 6.24
CA SER C 28 15.30 -6.07 6.60
C SER C 28 14.32 -5.74 5.55
N THR C 29 14.71 -6.00 4.32
CA THR C 29 13.86 -5.76 3.06
C THR C 29 12.45 -6.21 3.40
N SER C 30 11.46 -5.35 3.16
CA SER C 30 10.09 -5.79 2.90
C SER C 30 10.04 -6.08 1.41
N ARG C 31 8.84 -6.30 0.88
CA ARG C 31 8.62 -6.48 -0.58
C ARG C 31 8.40 -5.18 -1.38
N GLN C 32 8.07 -4.09 -0.73
CA GLN C 32 7.69 -2.91 -1.49
C GLN C 32 8.76 -1.85 -1.28
N TYR C 33 9.51 -1.65 -2.36
CA TYR C 33 10.67 -0.78 -2.29
C TYR C 33 11.04 -0.26 -3.67
N ASP C 34 11.85 0.80 -3.67
CA ASP C 34 12.56 1.28 -4.85
C ASP C 34 14.05 1.03 -4.65
N MET C 35 14.74 0.76 -5.75
CA MET C 35 16.20 0.66 -5.76
C MET C 35 16.72 1.46 -6.93
N GLY C 36 17.92 1.99 -6.79
CA GLY C 36 18.43 2.78 -7.88
C GLY C 36 19.89 3.14 -7.70
N TRP C 37 20.34 4.02 -8.57
CA TRP C 37 21.74 4.39 -8.64
C TRP C 37 21.88 5.90 -8.64
N PHE C 38 22.87 6.37 -7.88
CA PHE C 38 23.30 7.74 -7.88
C PHE C 38 24.77 7.78 -8.28
N ARG C 39 25.20 8.94 -8.77
CA ARG C 39 26.62 9.08 -9.10
C ARG C 39 27.13 10.39 -8.56
N GLN C 40 28.42 10.40 -8.25
CA GLN C 40 29.11 11.54 -7.69
C GLN C 40 30.34 11.68 -8.59
N ALA C 41 30.22 12.54 -9.60
CA ALA C 41 31.33 12.85 -10.48
C ALA C 41 32.29 13.81 -9.79
N PRO C 42 33.54 13.84 -10.20
CA PRO C 42 34.50 14.79 -9.61
C PRO C 42 33.98 16.22 -9.72
N GLY C 43 34.09 16.96 -8.62
CA GLY C 43 33.64 18.34 -8.58
C GLY C 43 32.14 18.54 -8.42
N LYS C 44 31.35 17.48 -8.32
CA LYS C 44 29.90 17.65 -8.21
C LYS C 44 29.34 16.80 -7.07
N GLU C 45 28.13 17.16 -6.66
CA GLU C 45 27.44 16.43 -5.61
C GLU C 45 26.75 15.20 -6.20
N ARG C 46 26.06 14.45 -5.35
CA ARG C 46 25.36 13.26 -5.82
C ARG C 46 24.24 13.64 -6.77
N GLU C 47 24.11 12.89 -7.86
CA GLU C 47 23.06 13.12 -8.84
C GLU C 47 22.34 11.82 -9.14
N PHE C 48 21.04 11.94 -9.38
CA PHE C 48 20.21 10.78 -9.69
C PHE C 48 20.60 10.20 -11.05
N VAL C 49 20.71 8.88 -11.11
CA VAL C 49 20.98 8.20 -12.37
C VAL C 49 19.75 7.42 -12.84
N SER C 50 19.25 6.50 -12.01
CA SER C 50 18.18 5.61 -12.45
C SER C 50 17.50 4.97 -11.24
N ALA C 51 16.22 4.65 -11.36
CA ALA C 51 15.52 4.01 -10.26
C ALA C 51 14.48 3.06 -10.83
N ILE C 52 14.21 1.99 -10.08
CA ILE C 52 13.19 1.01 -10.43
C ILE C 52 12.43 0.64 -9.15
N SER C 53 11.14 0.39 -9.29
CA SER C 53 10.24 0.10 -8.16
C SER C 53 9.88 -1.38 -8.15
N SER C 54 9.61 -1.93 -6.97
CA SER C 54 9.02 -3.27 -6.92
C SER C 54 7.64 -3.29 -7.57
N ASN C 55 7.00 -2.13 -7.75
CA ASN C 55 5.70 -2.06 -8.39
C ASN C 55 5.85 -2.41 -9.86
N GLN C 56 5.38 -3.59 -10.26
CA GLN C 56 5.62 -3.99 -11.64
C GLN C 56 4.80 -3.17 -12.64
N ASP C 57 3.84 -2.37 -12.17
CA ASP C 57 3.12 -1.44 -13.04
C ASP C 57 3.86 -0.12 -13.20
N GLN C 58 5.03 0.04 -12.58
CA GLN C 58 5.73 1.32 -12.58
C GLN C 58 6.89 1.28 -13.56
N PRO C 59 6.93 2.13 -14.58
CA PRO C 59 8.09 2.14 -15.47
C PRO C 59 9.31 2.65 -14.74
N PRO C 60 10.50 2.16 -15.10
CA PRO C 60 11.71 2.69 -14.48
C PRO C 60 11.92 4.15 -14.85
N TYR C 61 12.74 4.82 -14.03
CA TYR C 61 13.01 6.25 -14.13
C TYR C 61 14.48 6.41 -14.46
N TYR C 62 14.78 7.18 -15.50
CA TYR C 62 16.14 7.44 -15.95
C TYR C 62 16.41 8.93 -15.99
N ALA C 63 17.57 9.34 -15.49
CA ALA C 63 17.97 10.73 -15.65
C ALA C 63 18.14 11.05 -17.13
N ASP C 64 17.79 12.29 -17.50
CA ASP C 64 17.91 12.73 -18.89
C ASP C 64 19.27 12.38 -19.47
N SER C 65 20.34 12.61 -18.71
CA SER C 65 21.71 12.43 -19.18
C SER C 65 22.05 10.99 -19.54
N VAL C 66 21.24 10.03 -19.13
CA VAL C 66 21.54 8.62 -19.39
C VAL C 66 20.42 7.91 -20.11
N LYS C 67 19.26 8.53 -20.26
CA LYS C 67 18.13 7.86 -20.89
C LYS C 67 18.48 7.48 -22.33
N GLY C 68 18.16 6.24 -22.71
CA GLY C 68 18.56 5.72 -23.99
C GLY C 68 19.89 5.00 -24.01
N ARG C 69 20.76 5.22 -23.02
CA ARG C 69 22.02 4.52 -22.94
C ARG C 69 22.14 3.56 -21.77
N PHE C 70 21.44 3.81 -20.66
CA PHE C 70 21.46 2.93 -19.51
C PHE C 70 20.12 2.24 -19.39
N THR C 71 20.14 1.02 -18.89
CA THR C 71 18.92 0.23 -18.65
C THR C 71 19.00 -0.34 -17.25
N ILE C 72 18.00 -0.07 -16.43
CA ILE C 72 17.97 -0.64 -15.10
C ILE C 72 16.99 -1.80 -15.11
N SER C 73 17.30 -2.85 -14.35
CA SER C 73 16.42 -4.00 -14.25
C SER C 73 16.48 -4.56 -12.84
N ARG C 74 15.47 -5.34 -12.46
CA ARG C 74 15.44 -5.98 -11.16
C ARG C 74 15.44 -7.50 -11.31
N ASP C 75 16.13 -8.16 -10.40
CA ASP C 75 15.96 -9.58 -10.16
C ASP C 75 15.01 -9.69 -8.96
N ASN C 76 13.73 -9.92 -9.25
CA ASN C 76 12.71 -9.99 -8.20
C ASN C 76 13.12 -10.97 -7.10
N SER C 77 13.53 -12.18 -7.51
CA SER C 77 13.74 -13.27 -6.58
C SER C 77 14.84 -12.96 -5.56
N LYS C 78 15.80 -12.10 -5.91
CA LYS C 78 16.94 -11.89 -5.05
C LYS C 78 16.92 -10.57 -4.28
N ASN C 79 16.16 -9.57 -4.74
CA ASN C 79 16.28 -8.18 -4.27
C ASN C 79 17.57 -7.53 -4.78
N THR C 80 17.81 -7.66 -6.07
CA THR C 80 19.02 -7.18 -6.71
C THR C 80 18.64 -6.38 -7.94
N VAL C 81 19.30 -5.26 -8.17
CA VAL C 81 19.05 -4.53 -9.40
C VAL C 81 20.35 -4.41 -10.15
N TYR C 82 20.23 -4.25 -11.47
CA TYR C 82 21.37 -4.18 -12.36
C TYR C 82 21.26 -2.94 -13.21
N LEU C 83 22.38 -2.26 -13.43
CA LEU C 83 22.42 -1.12 -14.31
C LEU C 83 23.32 -1.47 -15.48
N GLN C 84 22.71 -1.66 -16.63
CA GLN C 84 23.46 -1.91 -17.86
C GLN C 84 23.82 -0.56 -18.48
N MET C 85 25.10 -0.20 -18.41
CA MET C 85 25.58 1.10 -18.85
C MET C 85 26.27 0.94 -20.21
N ASN C 86 25.57 1.28 -21.29
CA ASN C 86 26.11 1.19 -22.63
C ASN C 86 26.51 2.57 -23.13
N SER C 87 27.33 2.60 -24.19
CA SER C 87 27.78 3.82 -24.86
C SER C 87 28.30 4.84 -23.86
N LEU C 88 29.16 4.38 -22.97
CA LEU C 88 29.67 5.23 -21.92
C LEU C 88 30.44 6.40 -22.51
N ARG C 89 30.33 7.55 -21.87
CA ARG C 89 31.01 8.77 -22.26
C ARG C 89 31.98 9.17 -21.14
N ALA C 90 32.93 10.05 -21.52
CA ALA C 90 33.90 10.53 -20.55
C ALA C 90 33.21 11.12 -19.33
N GLU C 91 32.13 11.86 -19.53
CA GLU C 91 31.41 12.51 -18.45
C GLU C 91 30.54 11.56 -17.63
N ASP C 92 30.56 10.26 -17.93
CA ASP C 92 29.96 9.28 -17.03
C ASP C 92 30.90 8.87 -15.90
N THR C 93 32.16 9.33 -15.95
CA THR C 93 33.13 8.99 -14.92
C THR C 93 32.66 9.51 -13.58
N ALA C 94 32.62 8.63 -12.58
CA ALA C 94 32.01 8.98 -11.30
C ALA C 94 32.10 7.81 -10.34
N THR C 95 31.91 8.08 -9.05
CA THR C 95 31.60 7.05 -8.08
C THR C 95 30.09 6.82 -8.12
N TYR C 96 29.67 5.60 -8.40
CA TYR C 96 28.25 5.26 -8.48
C TYR C 96 27.82 4.58 -7.19
N TYR C 97 26.75 5.07 -6.59
CA TYR C 97 26.27 4.56 -5.33
C TYR C 97 24.93 3.88 -5.55
N CYS C 98 24.78 2.70 -4.98
CA CYS C 98 23.52 1.98 -4.92
C CYS C 98 22.62 2.60 -3.86
N ALA C 99 21.31 2.54 -4.08
CA ALA C 99 20.38 3.04 -3.08
C ALA C 99 19.15 2.14 -3.02
N PHE C 100 18.54 2.09 -1.83
CA PHE C 100 17.41 1.23 -1.53
C PHE C 100 16.51 1.99 -0.56
N LYS C 101 15.21 2.01 -0.84
CA LYS C 101 14.26 2.68 0.06
C LYS C 101 12.94 1.93 0.04
N GLN C 102 12.52 1.43 1.19
CA GLN C 102 11.19 0.85 1.29
C GLN C 102 10.15 1.91 0.96
N HIS C 103 9.06 1.48 0.32
CA HIS C 103 8.01 2.41 -0.08
C HIS C 103 7.46 3.16 1.11
N HIS C 104 7.44 2.53 2.28
CA HIS C 104 6.88 3.14 3.47
C HIS C 104 7.91 3.92 4.27
N ALA C 105 9.13 4.06 3.76
CA ALA C 105 10.22 4.68 4.50
C ALA C 105 10.60 6.02 3.89
N ASN C 106 10.92 6.99 4.75
CA ASN C 106 11.46 8.25 4.26
C ASN C 106 12.97 8.17 4.04
N GLY C 107 13.68 7.45 4.90
CA GLY C 107 15.12 7.35 4.81
C GLY C 107 15.55 6.23 3.88
N ALA C 108 16.46 6.55 2.95
CA ALA C 108 17.01 5.57 2.03
C ALA C 108 18.31 5.01 2.58
N TYR C 109 18.52 3.72 2.34
CA TYR C 109 19.83 3.11 2.49
C TYR C 109 20.64 3.39 1.23
N TRP C 110 21.92 3.69 1.38
CA TRP C 110 22.75 3.91 0.20
C TRP C 110 24.22 3.70 0.57
N GLY C 111 25.03 3.58 -0.47
CA GLY C 111 26.47 3.50 -0.29
C GLY C 111 27.06 2.56 -1.31
N GLN C 112 28.09 1.82 -0.92
CA GLN C 112 28.73 0.84 -1.79
C GLN C 112 29.28 1.50 -3.05
N GLY C 113 30.04 2.57 -2.88
CA GLY C 113 30.62 3.27 -4.00
C GLY C 113 31.41 2.35 -4.92
N THR C 114 31.07 2.34 -6.21
CA THR C 114 31.85 1.62 -7.22
C THR C 114 32.25 2.65 -8.27
N GLN C 115 33.51 2.66 -8.64
CA GLN C 115 34.04 3.71 -9.49
C GLN C 115 34.01 3.33 -10.95
N VAL C 116 33.52 4.25 -11.78
CA VAL C 116 33.42 4.09 -13.22
C VAL C 116 34.32 5.15 -13.84
N THR C 117 35.35 4.73 -14.56
CA THR C 117 36.23 5.67 -15.22
C THR C 117 36.14 5.40 -16.71
N VAL C 118 35.82 6.43 -17.48
CA VAL C 118 35.65 6.33 -18.93
C VAL C 118 36.63 7.33 -19.54
N SER C 119 37.69 6.84 -20.19
CA SER C 119 38.67 7.77 -20.76
C SER C 119 39.50 7.09 -21.83
N SER C 120 40.27 7.92 -22.54
CA SER C 120 41.11 7.60 -23.71
C SER C 120 41.41 6.13 -23.95
N SER D 1 17.78 20.97 9.53
CA SER D 1 17.85 19.52 9.40
C SER D 1 16.50 18.91 8.99
N GLU D 2 15.58 19.78 8.56
CA GLU D 2 14.25 19.35 8.16
C GLU D 2 13.76 20.17 6.98
N VAL D 3 12.94 19.50 6.18
CA VAL D 3 12.28 20.07 5.02
C VAL D 3 10.80 19.96 5.29
N GLN D 4 10.06 21.01 4.96
CA GLN D 4 8.61 21.00 5.09
C GLN D 4 7.99 21.04 3.70
N LEU D 5 7.03 20.13 3.47
CA LEU D 5 6.26 20.10 2.25
C LEU D 5 4.83 20.48 2.61
N GLN D 6 4.34 21.58 2.06
CA GLN D 6 3.01 22.08 2.37
C GLN D 6 2.16 21.90 1.12
N ALA D 7 1.27 20.91 1.15
CA ALA D 7 0.54 20.48 -0.03
C ALA D 7 -0.87 21.04 -0.02
N SER D 8 -1.42 21.25 -1.22
CA SER D 8 -2.81 21.66 -1.33
C SER D 8 -3.36 21.19 -2.67
N GLY D 9 -4.65 21.38 -2.83
CA GLY D 9 -5.33 21.00 -4.06
C GLY D 9 -6.18 19.78 -3.86
N GLY D 10 -6.64 19.24 -4.97
CA GLY D 10 -7.53 18.10 -4.96
C GLY D 10 -8.98 18.53 -5.08
N GLY D 11 -9.86 17.59 -4.78
CA GLY D 11 -11.28 17.83 -4.84
C GLY D 11 -11.99 16.68 -5.54
N PHE D 12 -13.20 16.99 -6.00
CA PHE D 12 -14.13 16.04 -6.61
C PHE D 12 -14.48 16.54 -8.00
N VAL D 13 -14.24 15.70 -9.01
CA VAL D 13 -14.59 16.03 -10.37
C VAL D 13 -15.23 14.81 -11.03
N GLN D 14 -15.80 15.04 -12.22
CA GLN D 14 -16.33 13.97 -13.05
C GLN D 14 -15.25 13.50 -14.01
N PRO D 15 -15.37 12.26 -14.54
CA PRO D 15 -14.48 11.84 -15.63
C PRO D 15 -14.31 12.92 -16.68
N GLY D 16 -13.08 13.17 -17.11
CA GLY D 16 -12.77 14.24 -18.03
C GLY D 16 -12.44 15.57 -17.38
N GLY D 17 -12.68 15.72 -16.08
CA GLY D 17 -12.42 16.96 -15.38
C GLY D 17 -10.94 17.18 -15.12
N SER D 18 -10.67 18.28 -14.42
CA SER D 18 -9.30 18.73 -14.17
C SER D 18 -9.14 19.21 -12.74
N LEU D 19 -7.97 18.94 -12.16
CA LEU D 19 -7.63 19.40 -10.81
C LEU D 19 -6.14 19.71 -10.80
N ARG D 20 -5.75 20.68 -10.00
CA ARG D 20 -4.33 20.97 -9.86
C ARG D 20 -3.92 20.77 -8.41
N LEU D 21 -2.78 20.10 -8.23
CA LEU D 21 -2.18 19.95 -6.92
C LEU D 21 -0.97 20.85 -6.85
N SER D 22 -0.66 21.31 -5.65
CA SER D 22 0.44 22.21 -5.40
C SER D 22 1.20 21.72 -4.19
N CYS D 23 2.49 22.02 -4.14
CA CYS D 23 3.24 21.66 -2.96
C CYS D 23 4.44 22.59 -2.84
N ALA D 24 4.48 23.30 -1.70
CA ALA D 24 5.51 24.30 -1.44
C ALA D 24 6.55 23.69 -0.51
N ALA D 25 7.80 23.66 -0.96
CA ALA D 25 8.90 23.19 -0.12
C ALA D 25 9.56 24.36 0.59
N SER D 26 9.97 24.12 1.83
CA SER D 26 10.65 25.11 2.62
C SER D 26 11.54 24.38 3.61
N GLY D 27 12.39 25.15 4.28
CA GLY D 27 13.33 24.58 5.22
C GLY D 27 14.73 24.50 4.66
N THR D 28 15.52 23.63 5.27
CA THR D 28 16.93 23.49 4.91
C THR D 28 17.03 22.51 3.75
N THR D 29 16.63 23.03 2.59
CA THR D 29 16.60 22.25 1.37
C THR D 29 17.94 22.24 0.65
N TYR D 30 18.86 23.12 1.02
CA TYR D 30 20.19 23.21 0.41
C TYR D 30 20.09 23.52 -1.08
N GLY D 31 19.02 24.24 -1.46
CA GLY D 31 18.82 24.56 -2.86
C GLY D 31 18.34 23.41 -3.72
N GLN D 32 17.99 22.28 -3.12
CA GLN D 32 17.55 21.14 -3.91
C GLN D 32 16.10 21.31 -4.34
N THR D 33 15.78 20.81 -5.54
CA THR D 33 14.44 20.92 -6.10
C THR D 33 14.04 19.63 -6.79
N ASN D 34 14.36 18.49 -6.19
CA ASN D 34 13.95 17.19 -6.71
C ASN D 34 12.63 16.85 -6.05
N MET D 35 11.55 16.98 -6.81
CA MET D 35 10.23 16.79 -6.26
C MET D 35 9.41 15.91 -7.16
N GLY D 36 8.28 15.47 -6.64
CA GLY D 36 7.41 14.59 -7.40
C GLY D 36 6.14 14.36 -6.63
N TRP D 37 5.30 13.52 -7.20
CA TRP D 37 4.09 13.07 -6.56
C TRP D 37 3.98 11.57 -6.71
N PHE D 38 3.62 10.90 -5.63
CA PHE D 38 3.16 9.53 -5.74
C PHE D 38 1.72 9.45 -5.23
N ARG D 39 1.01 8.42 -5.64
CA ARG D 39 -0.36 8.27 -5.20
C ARG D 39 -0.50 6.90 -4.58
N GLN D 40 -1.47 6.81 -3.67
CA GLN D 40 -1.73 5.59 -2.90
C GLN D 40 -3.20 5.28 -3.01
N ALA D 41 -3.52 4.14 -3.61
CA ALA D 41 -4.86 3.60 -3.62
C ALA D 41 -4.92 2.34 -2.75
N PRO D 42 -6.08 2.01 -2.18
CA PRO D 42 -6.13 0.84 -1.31
C PRO D 42 -5.70 -0.42 -2.03
N GLY D 43 -4.86 -1.20 -1.36
CA GLY D 43 -4.46 -2.51 -1.85
C GLY D 43 -3.54 -2.53 -3.04
N LYS D 44 -2.98 -1.40 -3.42
CA LYS D 44 -1.96 -1.38 -4.47
C LYS D 44 -0.68 -0.77 -3.90
N GLU D 45 0.46 -1.17 -4.45
CA GLU D 45 1.70 -0.51 -4.07
C GLU D 45 1.64 0.94 -4.49
N ARG D 46 2.37 1.79 -3.78
CA ARG D 46 2.37 3.20 -4.17
C ARG D 46 2.84 3.30 -5.60
N GLU D 47 2.35 4.33 -6.28
CA GLU D 47 2.63 4.55 -7.68
C GLU D 47 3.16 5.97 -7.80
N PHE D 48 4.42 6.10 -8.19
CA PHE D 48 4.99 7.41 -8.40
C PHE D 48 4.42 7.95 -9.71
N VAL D 49 3.82 9.13 -9.63
CA VAL D 49 3.05 9.64 -10.77
C VAL D 49 3.91 10.54 -11.64
N SER D 50 4.72 11.38 -11.02
CA SER D 50 5.60 12.22 -11.81
C SER D 50 6.66 12.81 -10.91
N ALA D 51 7.74 13.21 -11.56
CA ALA D 51 8.90 13.72 -10.85
C ALA D 51 9.58 14.76 -11.73
N ILE D 52 10.31 15.66 -11.08
CA ILE D 52 10.91 16.82 -11.72
C ILE D 52 12.12 17.21 -10.89
N SER D 53 13.12 17.82 -11.52
CA SER D 53 14.29 18.13 -10.72
C SER D 53 15.03 19.32 -11.33
N GLY D 54 15.55 20.14 -10.42
CA GLY D 54 16.35 21.27 -10.82
C GLY D 54 15.52 22.50 -11.10
N LEU D 55 16.22 23.65 -11.15
CA LEU D 55 15.53 24.90 -11.44
C LEU D 55 15.06 24.93 -12.89
N GLN D 56 15.71 24.17 -13.77
CA GLN D 56 15.29 24.08 -15.16
C GLN D 56 14.24 23.02 -15.40
N GLY D 57 13.80 22.30 -14.36
CA GLY D 57 12.78 21.28 -14.51
C GLY D 57 13.21 20.17 -15.46
N ARG D 58 14.34 19.52 -15.16
CA ARG D 58 14.83 18.39 -15.93
C ARG D 58 14.45 17.09 -15.24
N ASP D 59 14.88 15.97 -15.85
CA ASP D 59 14.62 14.64 -15.33
C ASP D 59 13.12 14.40 -15.14
N LEU D 60 12.33 14.91 -16.08
CA LEU D 60 10.89 14.83 -15.94
C LEU D 60 10.43 13.40 -16.15
N TYR D 61 9.64 12.92 -15.20
CA TYR D 61 9.16 11.55 -15.18
C TYR D 61 7.63 11.56 -15.16
N TYR D 62 7.04 10.63 -15.88
CA TYR D 62 5.60 10.40 -15.81
C TYR D 62 5.36 8.90 -15.82
N ALA D 63 4.54 8.44 -14.87
CA ALA D 63 3.98 7.09 -14.99
C ALA D 63 3.23 6.96 -16.31
N ASP D 64 3.39 5.81 -16.98
CA ASP D 64 2.68 5.59 -18.23
C ASP D 64 1.17 5.71 -18.04
N SER D 65 0.70 5.39 -16.84
CA SER D 65 -0.73 5.46 -16.56
C SER D 65 -1.29 6.87 -16.70
N VAL D 66 -0.46 7.89 -16.52
CA VAL D 66 -0.96 9.27 -16.57
C VAL D 66 -0.35 10.07 -17.70
N LYS D 67 0.46 9.45 -18.56
CA LYS D 67 1.20 10.16 -19.60
C LYS D 67 0.27 10.97 -20.50
N GLY D 68 0.62 12.23 -20.73
CA GLY D 68 -0.17 13.08 -21.57
C GLY D 68 -1.34 13.76 -20.87
N ARG D 69 -1.88 13.14 -19.83
CA ARG D 69 -2.97 13.74 -19.06
C ARG D 69 -2.47 14.61 -17.90
N PHE D 70 -1.32 14.28 -17.31
CA PHE D 70 -0.77 15.03 -16.18
C PHE D 70 0.43 15.85 -16.65
N THR D 71 0.60 17.03 -16.05
CA THR D 71 1.75 17.89 -16.31
C THR D 71 2.32 18.36 -14.98
N ILE D 72 3.61 18.15 -14.78
CA ILE D 72 4.30 18.67 -13.60
C ILE D 72 5.03 19.93 -13.99
N SER D 73 5.05 20.90 -13.10
CA SER D 73 5.68 22.18 -13.39
C SER D 73 6.17 22.78 -12.09
N ARG D 74 7.07 23.75 -12.21
CA ARG D 74 7.61 24.41 -11.04
C ARG D 74 7.46 25.92 -11.16
N ASP D 75 7.30 26.52 -9.99
CA ASP D 75 7.43 27.96 -9.79
C ASP D 75 8.63 28.16 -8.88
N ASN D 76 9.77 28.58 -9.47
CA ASN D 76 10.97 28.74 -8.67
C ASN D 76 10.85 29.86 -7.65
N SER D 77 10.11 30.94 -7.98
CA SER D 77 9.97 32.04 -7.04
C SER D 77 9.33 31.61 -5.72
N LYS D 78 8.52 30.55 -5.74
CA LYS D 78 7.81 30.10 -4.54
C LYS D 78 8.31 28.75 -4.03
N ASN D 79 9.34 28.20 -4.65
CA ASN D 79 9.81 26.83 -4.38
C ASN D 79 8.64 25.86 -4.32
N THR D 80 7.77 25.97 -5.31
CA THR D 80 6.53 25.21 -5.32
C THR D 80 6.46 24.42 -6.61
N VAL D 81 5.95 23.19 -6.51
CA VAL D 81 5.74 22.43 -7.73
C VAL D 81 4.25 22.15 -7.85
N TYR D 82 3.81 21.91 -9.10
CA TYR D 82 2.41 21.76 -9.45
C TYR D 82 2.20 20.47 -10.24
N LEU D 83 1.03 19.87 -10.05
CA LEU D 83 0.64 18.72 -10.87
C LEU D 83 -0.73 19.04 -11.46
N GLN D 84 -0.77 19.32 -12.75
CA GLN D 84 -2.01 19.62 -13.46
C GLN D 84 -2.57 18.31 -13.99
N MET D 85 -3.69 17.87 -13.41
CA MET D 85 -4.28 16.58 -13.75
C MET D 85 -5.50 16.86 -14.61
N ASN D 86 -5.35 16.72 -15.92
CA ASN D 86 -6.44 16.91 -16.85
C ASN D 86 -6.97 15.56 -17.33
N SER D 87 -8.13 15.61 -17.97
CA SER D 87 -8.84 14.42 -18.46
C SER D 87 -8.83 13.31 -17.43
N LEU D 88 -9.20 13.66 -16.20
CA LEU D 88 -9.18 12.71 -15.11
C LEU D 88 -10.07 11.52 -15.40
N ARG D 89 -9.69 10.39 -14.82
CA ARG D 89 -10.42 9.13 -14.96
C ARG D 89 -10.74 8.61 -13.57
N ALA D 90 -11.80 7.80 -13.50
CA ALA D 90 -12.18 7.18 -12.23
C ALA D 90 -10.99 6.56 -11.52
N GLU D 91 -10.17 5.80 -12.26
CA GLU D 91 -9.05 5.10 -11.62
C GLU D 91 -7.92 6.03 -11.21
N ASP D 92 -8.01 7.34 -11.47
CA ASP D 92 -7.09 8.28 -10.86
C ASP D 92 -7.49 8.60 -9.43
N THR D 93 -8.64 8.10 -8.98
CA THR D 93 -9.06 8.28 -7.60
C THR D 93 -8.05 7.63 -6.67
N ALA D 94 -7.49 8.42 -5.77
CA ALA D 94 -6.44 7.98 -4.87
C ALA D 94 -6.10 9.16 -3.97
N THR D 95 -5.21 8.88 -3.01
CA THR D 95 -4.63 9.91 -2.17
C THR D 95 -3.25 10.23 -2.75
N TYR D 96 -3.01 11.52 -3.02
CA TYR D 96 -1.80 11.95 -3.70
C TYR D 96 -0.86 12.58 -2.69
N TYR D 97 0.42 12.20 -2.75
CA TYR D 97 1.41 12.73 -1.80
C TYR D 97 2.52 13.41 -2.56
N CYS D 98 2.75 14.68 -2.26
CA CYS D 98 3.95 15.37 -2.71
C CYS D 98 5.18 14.76 -2.05
N ALA D 99 6.28 14.71 -2.79
CA ALA D 99 7.53 14.14 -2.29
C ALA D 99 8.69 15.07 -2.63
N PHE D 100 9.67 15.13 -1.74
CA PHE D 100 10.89 15.90 -1.94
C PHE D 100 12.06 14.93 -1.79
N HIS D 101 12.85 14.80 -2.84
CA HIS D 101 13.98 13.88 -2.83
C HIS D 101 15.26 14.64 -2.48
N ASP D 102 15.68 14.47 -1.23
CA ASP D 102 16.85 15.15 -0.67
C ASP D 102 18.03 14.23 -0.85
N PHE D 103 18.87 14.51 -1.86
CA PHE D 103 20.02 13.65 -2.14
C PHE D 103 21.22 13.93 -1.24
N LEU D 104 21.18 15.03 -0.48
CA LEU D 104 22.19 15.20 0.56
C LEU D 104 21.91 14.28 1.74
N ARG D 105 20.70 14.36 2.27
CA ARG D 105 20.32 13.49 3.38
C ARG D 105 19.93 12.10 2.90
N MET D 106 19.74 11.90 1.59
CA MET D 106 19.22 10.65 1.03
C MET D 106 17.92 10.29 1.74
N TRP D 107 16.97 11.21 1.66
CA TRP D 107 15.78 11.22 2.48
C TRP D 107 14.62 11.69 1.60
N GLU D 108 13.50 10.99 1.65
CA GLU D 108 12.32 11.37 0.87
C GLU D 108 11.31 11.97 1.84
N TYR D 109 11.14 13.28 1.80
CA TYR D 109 10.11 13.94 2.59
C TYR D 109 8.77 13.84 1.88
N TRP D 110 7.70 13.74 2.67
CA TRP D 110 6.33 13.63 2.16
C TRP D 110 5.47 14.79 2.65
N GLY D 111 4.61 15.31 1.78
CA GLY D 111 3.59 16.25 2.19
C GLY D 111 2.36 15.53 2.69
N GLN D 112 1.36 16.31 3.08
CA GLN D 112 0.14 15.70 3.54
C GLN D 112 -0.63 15.12 2.36
N GLY D 113 -1.26 13.97 2.57
CA GLY D 113 -2.05 13.32 1.54
C GLY D 113 -3.21 14.18 1.07
N THR D 114 -3.36 14.38 -0.23
CA THR D 114 -4.50 15.14 -0.72
C THR D 114 -5.33 14.24 -1.61
N GLN D 115 -6.62 14.23 -1.31
CA GLN D 115 -7.52 13.29 -1.96
C GLN D 115 -8.04 13.82 -3.28
N VAL D 116 -8.02 12.94 -4.27
CA VAL D 116 -8.59 13.20 -5.58
C VAL D 116 -9.65 12.15 -5.78
N THR D 117 -10.90 12.58 -6.02
CA THR D 117 -12.03 11.69 -6.25
C THR D 117 -12.60 11.98 -7.63
N VAL D 118 -12.60 10.98 -8.52
CA VAL D 118 -13.15 11.11 -9.86
C VAL D 118 -14.30 10.12 -9.93
N SER D 119 -15.52 10.64 -10.05
CA SER D 119 -16.71 9.79 -10.00
C SER D 119 -17.83 10.43 -10.80
N SER D 120 -18.78 9.59 -11.21
CA SER D 120 -19.93 10.02 -12.01
C SER D 120 -21.01 10.66 -11.13
#